data_4MGE
#
_entry.id   4MGE
#
_cell.length_a   59.788
_cell.length_b   70.802
_cell.length_c   84.464
_cell.angle_alpha   90.00
_cell.angle_beta   90.00
_cell.angle_gamma   90.00
#
_symmetry.space_group_name_H-M   'C 2 2 21'
#
loop_
_entity.id
_entity.type
_entity.pdbx_description
1 polymer 'PTS system, cellobiose-specific IIB component'
2 non-polymer 'CHLORIDE ION'
3 non-polymer 1,2-ETHANEDIOL
4 water water
#
_entity_poly.entity_id   1
_entity_poly.type   'polypeptide(L)'
_entity_poly.pdbx_seq_one_letter_code
;MNILLCCSAGMSTSLLVTKMEAAAKARGLEGKIWAVSGDAVKTNIDQADVLLLGPQVRYMLSSMKTLADERNVGIDVINP
MHYGMMNGEAVLDHALTLKKGENLYFQSAGHHHHHH
;
_entity_poly.pdbx_strand_id   A,B
#
# COMPACT_ATOMS: atom_id res chain seq x y z
N MET A 1 -11.71 -15.48 -1.20
CA MET A 1 -10.42 -14.78 -1.36
C MET A 1 -9.40 -15.82 -1.80
N ASN A 2 -9.07 -15.80 -3.09
CA ASN A 2 -8.11 -16.68 -3.66
C ASN A 2 -6.77 -15.94 -3.80
N ILE A 3 -5.74 -16.50 -3.18
CA ILE A 3 -4.42 -15.89 -3.14
C ILE A 3 -3.39 -16.86 -3.71
N LEU A 4 -2.77 -16.41 -4.80
CA LEU A 4 -1.75 -17.15 -5.48
C LEU A 4 -0.40 -16.59 -5.09
N LEU A 5 0.50 -17.49 -4.69
CA LEU A 5 1.89 -17.13 -4.42
C LEU A 5 2.80 -17.68 -5.50
N CYS A 6 3.84 -16.92 -5.80
CA CYS A 6 4.85 -17.26 -6.81
C CYS A 6 6.20 -16.99 -6.15
N CYS A 7 7.28 -17.66 -6.53
CA CYS A 7 7.38 -18.62 -7.62
C CYS A 7 7.96 -19.98 -7.20
N SER A 8 7.76 -20.39 -5.96
CA SER A 8 8.20 -21.70 -5.59
C SER A 8 7.30 -22.22 -4.51
N ALA A 9 7.18 -23.54 -4.47
CA ALA A 9 6.41 -24.19 -3.48
C ALA A 9 7.43 -24.97 -2.63
N GLY A 10 8.58 -24.33 -2.33
CA GLY A 10 9.61 -24.89 -1.46
C GLY A 10 9.19 -24.81 -0.01
N MET A 11 10.09 -25.19 0.89
CA MET A 11 9.79 -25.25 2.33
C MET A 11 9.23 -23.98 2.90
N SER A 12 9.92 -22.86 2.61
CA SER A 12 9.57 -21.55 3.18
C SER A 12 8.23 -21.06 2.72
N THR A 13 8.05 -20.98 1.40
CA THR A 13 6.78 -20.52 0.86
C THR A 13 5.61 -21.41 1.28
N SER A 14 5.82 -22.73 1.30
N SER A 14 5.82 -22.73 1.30
CA SER A 14 4.75 -23.64 1.66
CA SER A 14 4.74 -23.62 1.66
C SER A 14 4.41 -23.51 3.14
C SER A 14 4.41 -23.51 3.14
N LEU A 15 5.41 -23.23 3.96
CA LEU A 15 5.17 -23.03 5.39
C LEU A 15 4.29 -21.79 5.54
N LEU A 16 4.57 -20.74 4.74
CA LEU A 16 3.79 -19.51 4.79
C LEU A 16 2.37 -19.76 4.34
N VAL A 17 2.19 -20.49 3.24
CA VAL A 17 0.84 -20.84 2.80
C VAL A 17 0.06 -21.54 3.93
N THR A 18 0.67 -22.45 4.64
CA THR A 18 -0.05 -23.19 5.71
C THR A 18 -0.51 -22.20 6.80
N LYS A 19 0.39 -21.30 7.17
CA LYS A 19 0.08 -20.27 8.16
C LYS A 19 -1.00 -19.33 7.64
N MET A 20 -0.95 -18.95 6.37
CA MET A 20 -1.99 -18.09 5.76
C MET A 20 -3.34 -18.78 5.74
N GLU A 21 -3.34 -20.09 5.51
CA GLU A 21 -4.58 -20.89 5.55
C GLU A 21 -5.19 -20.98 6.95
N ALA A 22 -4.34 -21.09 7.95
CA ALA A 22 -4.80 -21.11 9.34
C ALA A 22 -5.42 -19.76 9.68
N ALA A 23 -4.80 -18.69 9.22
CA ALA A 23 -5.29 -17.37 9.49
C ALA A 23 -6.64 -17.11 8.80
N ALA A 24 -6.81 -17.59 7.57
CA ALA A 24 -8.05 -17.37 6.82
C ALA A 24 -9.21 -18.16 7.45
N LYS A 25 -8.94 -19.40 7.83
CA LYS A 25 -9.96 -20.24 8.45
C LYS A 25 -10.43 -19.55 9.72
N ALA A 26 -9.48 -19.07 10.51
CA ALA A 26 -9.80 -18.38 11.78
C ALA A 26 -10.51 -17.03 11.58
N ARG A 27 -10.85 -16.70 10.35
CA ARG A 27 -11.67 -15.52 10.06
C ARG A 27 -12.80 -16.00 9.16
N GLY A 28 -13.09 -17.31 9.26
CA GLY A 28 -14.11 -17.97 8.47
C GLY A 28 -14.05 -17.55 7.03
N LEU A 29 -12.84 -17.28 6.56
CA LEU A 29 -12.65 -16.81 5.22
C LEU A 29 -12.51 -18.05 4.33
N GLU A 30 -13.36 -18.14 3.32
CA GLU A 30 -13.28 -19.24 2.37
C GLU A 30 -12.39 -18.80 1.23
N GLY A 31 -11.74 -19.77 0.59
CA GLY A 31 -10.92 -19.50 -0.57
C GLY A 31 -9.74 -20.44 -0.68
N LYS A 32 -8.99 -20.28 -1.76
CA LYS A 32 -7.81 -21.08 -1.99
C LYS A 32 -6.57 -20.16 -1.90
N ILE A 33 -5.56 -20.65 -1.17
CA ILE A 33 -4.25 -20.03 -1.06
C ILE A 33 -3.24 -21.09 -1.49
N TRP A 34 -2.49 -20.84 -2.55
CA TRP A 34 -1.58 -21.82 -3.06
C TRP A 34 -0.41 -21.22 -3.74
N ALA A 35 0.69 -21.97 -3.73
CA ALA A 35 1.95 -21.54 -4.33
C ALA A 35 2.29 -22.34 -5.58
N VAL A 36 2.80 -21.68 -6.62
CA VAL A 36 3.17 -22.35 -7.84
C VAL A 36 4.48 -21.80 -8.34
N SER A 37 5.16 -22.54 -9.23
CA SER A 37 6.37 -21.99 -9.84
C SER A 37 5.94 -21.03 -10.94
N GLY A 38 6.90 -20.22 -11.43
CA GLY A 38 6.55 -19.16 -12.38
C GLY A 38 5.85 -19.57 -13.65
N ASP A 39 6.13 -20.80 -14.11
CA ASP A 39 5.58 -21.31 -15.38
C ASP A 39 4.11 -21.62 -15.26
N ALA A 40 3.62 -21.72 -14.03
CA ALA A 40 2.20 -22.02 -13.76
C ALA A 40 1.34 -20.81 -13.49
N VAL A 41 1.92 -19.62 -13.42
CA VAL A 41 1.13 -18.44 -13.12
C VAL A 41 0.07 -18.15 -14.17
N LYS A 42 0.45 -18.22 -15.44
CA LYS A 42 -0.53 -17.96 -16.51
C LYS A 42 -1.80 -18.79 -16.45
N THR A 43 -1.67 -20.06 -16.09
CA THR A 43 -2.80 -20.96 -16.03
C THR A 43 -3.52 -20.95 -14.70
N ASN A 44 -2.99 -20.23 -13.72
CA ASN A 44 -3.63 -20.11 -12.40
C ASN A 44 -4.10 -18.69 -12.00
N ILE A 45 -3.61 -17.65 -12.71
CA ILE A 45 -3.92 -16.22 -12.44
C ILE A 45 -5.43 -15.86 -12.48
N ASP A 46 -6.18 -16.46 -13.41
CA ASP A 46 -7.62 -16.16 -13.51
C ASP A 46 -8.41 -16.60 -12.25
N GLN A 47 -8.03 -17.70 -11.64
CA GLN A 47 -8.66 -18.15 -10.41
C GLN A 47 -8.30 -17.24 -9.20
N ALA A 48 -7.17 -16.56 -9.28
CA ALA A 48 -6.67 -15.73 -8.17
C ALA A 48 -7.32 -14.38 -8.10
N ASP A 49 -7.43 -13.85 -6.89
CA ASP A 49 -7.89 -12.47 -6.67
C ASP A 49 -6.67 -11.57 -6.46
N VAL A 50 -5.60 -12.17 -5.95
CA VAL A 50 -4.34 -11.51 -5.66
C VAL A 50 -3.18 -12.46 -5.95
N LEU A 51 -2.13 -11.89 -6.52
CA LEU A 51 -0.87 -12.61 -6.75
C LEU A 51 0.22 -11.94 -5.89
N LEU A 52 0.91 -12.74 -5.10
CA LEU A 52 1.98 -12.28 -4.23
C LEU A 52 3.28 -12.97 -4.56
N LEU A 53 4.36 -12.20 -4.66
CA LEU A 53 5.64 -12.76 -4.98
C LEU A 53 6.52 -12.80 -3.75
N GLY A 54 7.27 -13.88 -3.64
CA GLY A 54 8.27 -14.03 -2.61
C GLY A 54 9.37 -12.97 -2.77
N PRO A 55 9.99 -12.57 -1.68
CA PRO A 55 11.02 -11.52 -1.78
C PRO A 55 12.20 -11.94 -2.63
N GLN A 56 12.46 -13.25 -2.76
CA GLN A 56 13.55 -13.71 -3.57
C GLN A 56 13.30 -13.60 -5.10
N VAL A 57 12.05 -13.35 -5.50
CA VAL A 57 11.71 -13.15 -6.91
C VAL A 57 11.15 -11.78 -7.19
N ARG A 58 11.58 -10.79 -6.39
CA ARG A 58 11.19 -9.40 -6.59
C ARG A 58 11.48 -8.96 -8.03
N TYR A 59 12.57 -9.45 -8.62
CA TYR A 59 12.94 -9.11 -10.00
C TYR A 59 11.87 -9.48 -11.03
N MET A 60 10.90 -10.30 -10.66
CA MET A 60 9.88 -10.69 -11.61
C MET A 60 8.66 -9.81 -11.54
N LEU A 61 8.67 -8.83 -10.64
CA LEU A 61 7.52 -7.97 -10.42
C LEU A 61 7.10 -7.21 -11.67
N SER A 62 8.00 -6.45 -12.28
CA SER A 62 7.60 -5.70 -13.51
C SER A 62 6.83 -6.52 -14.52
N SER A 63 7.36 -7.70 -14.82
CA SER A 63 6.76 -8.59 -15.80
C SER A 63 5.47 -9.23 -15.30
N MET A 64 5.42 -9.60 -14.02
CA MET A 64 4.19 -10.24 -13.50
C MET A 64 3.08 -9.20 -13.34
N LYS A 65 3.48 -7.96 -13.10
CA LYS A 65 2.53 -6.86 -12.92
C LYS A 65 1.74 -6.59 -14.20
N THR A 66 2.38 -6.72 -15.35
CA THR A 66 1.69 -6.46 -16.61
C THR A 66 0.56 -7.44 -16.73
N LEU A 67 0.85 -8.71 -16.43
CA LEU A 67 -0.18 -9.76 -16.47
C LEU A 67 -1.32 -9.57 -15.45
N ALA A 68 -0.95 -9.31 -14.21
CA ALA A 68 -1.90 -9.13 -13.13
C ALA A 68 -2.81 -7.92 -13.39
N ASP A 69 -2.19 -6.78 -13.72
CA ASP A 69 -2.96 -5.56 -13.96
C ASP A 69 -4.00 -5.84 -15.03
N GLU A 70 -3.54 -6.45 -16.11
CA GLU A 70 -4.41 -6.82 -17.23
C GLU A 70 -5.62 -7.71 -16.80
N ARG A 71 -5.38 -8.66 -15.89
CA ARG A 71 -6.40 -9.61 -15.40
C ARG A 71 -7.20 -9.07 -14.21
N ASN A 72 -6.96 -7.82 -13.80
CA ASN A 72 -7.59 -7.26 -12.57
C ASN A 72 -7.29 -8.08 -11.31
N VAL A 73 -6.02 -8.45 -11.16
CA VAL A 73 -5.58 -9.17 -10.01
C VAL A 73 -4.60 -8.27 -9.26
N GLY A 74 -4.82 -8.11 -7.97
CA GLY A 74 -3.90 -7.33 -7.16
C GLY A 74 -2.52 -8.00 -7.17
N ILE A 75 -1.45 -7.22 -7.10
CA ILE A 75 -0.11 -7.82 -7.11
C ILE A 75 0.86 -7.03 -6.26
N ASP A 76 1.73 -7.75 -5.58
CA ASP A 76 2.74 -7.10 -4.82
C ASP A 76 3.79 -8.15 -4.43
N VAL A 77 4.92 -7.67 -3.95
CA VAL A 77 5.95 -8.50 -3.41
C VAL A 77 5.71 -8.56 -1.90
N ILE A 78 5.85 -9.76 -1.34
CA ILE A 78 5.69 -9.96 0.11
C ILE A 78 6.79 -9.20 0.87
N ASN A 79 6.40 -8.56 1.96
CA ASN A 79 7.38 -7.80 2.77
C ASN A 79 8.38 -8.81 3.33
N PRO A 80 9.68 -8.56 3.14
CA PRO A 80 10.72 -9.49 3.56
C PRO A 80 10.65 -9.85 5.02
N MET A 81 10.16 -8.93 5.86
CA MET A 81 10.02 -9.24 7.29
C MET A 81 8.87 -10.18 7.56
N HIS A 82 7.74 -9.96 6.90
CA HIS A 82 6.60 -10.86 7.07
C HIS A 82 7.03 -12.24 6.58
N TYR A 83 7.75 -12.30 5.44
CA TYR A 83 8.18 -13.59 4.88
C TYR A 83 9.20 -14.30 5.79
N GLY A 84 10.26 -13.60 6.18
CA GLY A 84 11.30 -14.19 7.00
C GLY A 84 10.84 -14.58 8.38
N MET A 85 9.89 -13.83 8.95
CA MET A 85 9.35 -14.17 10.26
C MET A 85 8.10 -15.04 10.17
N MET A 86 7.77 -15.53 8.97
CA MET A 86 6.62 -16.44 8.74
C MET A 86 5.35 -15.93 9.36
N ASN A 87 4.99 -14.69 9.03
CA ASN A 87 3.79 -14.07 9.61
C ASN A 87 2.64 -14.22 8.66
N GLY A 88 1.91 -15.33 8.76
CA GLY A 88 0.80 -15.64 7.84
C GLY A 88 -0.38 -14.70 7.98
N GLU A 89 -0.70 -14.33 9.22
CA GLU A 89 -1.74 -13.36 9.46
C GLU A 89 -1.41 -12.03 8.71
N ALA A 90 -0.16 -11.58 8.78
CA ALA A 90 0.25 -10.34 8.11
C ALA A 90 0.16 -10.40 6.57
N VAL A 91 0.55 -11.52 6.01
CA VAL A 91 0.55 -11.65 4.54
C VAL A 91 -0.89 -11.77 4.06
N LEU A 92 -1.74 -12.44 4.84
CA LEU A 92 -3.16 -12.50 4.51
C LEU A 92 -3.70 -11.08 4.53
N ASP A 93 -3.34 -10.30 5.56
CA ASP A 93 -3.78 -8.90 5.60
C ASP A 93 -3.33 -8.10 4.36
N HIS A 94 -2.10 -8.34 3.96
CA HIS A 94 -1.52 -7.66 2.78
C HIS A 94 -2.38 -7.94 1.56
N ALA A 95 -2.68 -9.22 1.35
CA ALA A 95 -3.54 -9.63 0.25
C ALA A 95 -4.94 -8.97 0.31
N LEU A 96 -5.54 -9.01 1.49
CA LEU A 96 -6.86 -8.41 1.67
C LEU A 96 -6.80 -6.93 1.34
N THR A 97 -5.70 -6.29 1.70
CA THR A 97 -5.54 -4.88 1.46
C THR A 97 -5.45 -4.56 -0.01
N LEU A 98 -4.75 -5.40 -0.73
CA LEU A 98 -4.63 -5.24 -2.16
C LEU A 98 -5.97 -5.42 -2.86
N LYS A 99 -6.76 -6.38 -2.39
CA LYS A 99 -8.03 -6.63 -3.04
C LYS A 99 -9.07 -5.52 -2.73
N LYS A 100 -9.10 -5.07 -1.47
CA LYS A 100 -10.02 -4.04 -1.02
C LYS A 100 -9.71 -2.69 -1.68
N GLY A 101 -8.43 -2.30 -1.67
CA GLY A 101 -8.02 -1.05 -2.26
C GLY A 101 -8.35 -1.06 -3.74
N GLU A 102 -8.11 -2.21 -4.37
CA GLU A 102 -8.34 -2.44 -5.80
C GLU A 102 -9.77 -2.19 -6.30
N ASN A 103 -10.74 -2.41 -5.43
CA ASN A 103 -12.14 -2.20 -5.77
C ASN A 103 -12.64 -0.86 -5.21
N LEU A 104 -11.72 -0.08 -4.64
CA LEU A 104 -12.05 1.19 -4.01
C LEU A 104 -13.03 2.03 -4.85
N TYR A 105 -14.16 2.28 -4.20
CA TYR A 105 -15.27 3.09 -4.70
C TYR A 105 -14.91 4.32 -5.55
N PHE A 106 -13.93 5.14 -5.12
CA PHE A 106 -13.59 6.37 -5.85
C PHE A 106 -13.01 6.22 -7.26
N GLN A 107 -12.34 5.11 -7.55
CA GLN A 107 -11.82 4.90 -8.90
C GLN A 107 -11.47 3.46 -9.19
N SER A 108 -10.21 3.08 -8.94
CA SER A 108 -9.71 1.75 -9.28
C SER A 108 -8.58 1.29 -8.36
N MET B 1 11.76 16.00 4.38
CA MET B 1 10.41 15.89 3.79
C MET B 1 9.44 15.13 4.72
N ASN B 2 8.67 15.87 5.50
CA ASN B 2 7.66 15.27 6.40
C ASN B 2 6.30 15.20 5.71
N ILE B 3 5.80 13.99 5.55
CA ILE B 3 4.53 13.78 4.90
C ILE B 3 3.55 13.20 5.89
N LEU B 4 2.49 13.97 6.14
CA LEU B 4 1.40 13.59 7.01
C LEU B 4 0.25 13.10 6.14
N LEU B 5 -0.26 11.93 6.52
CA LEU B 5 -1.43 11.33 5.91
C LEU B 5 -2.60 11.40 6.86
N CYS B 6 -3.81 11.56 6.32
CA CYS B 6 -5.06 11.63 7.11
C CYS B 6 -6.06 10.80 6.30
N CYS B 7 -7.06 10.16 6.93
CA CYS B 7 -7.37 10.29 8.35
C CYS B 7 -7.51 8.94 9.09
N SER B 8 -6.86 7.92 8.58
CA SER B 8 -6.88 6.62 9.21
C SER B 8 -5.49 6.03 9.31
N ALA B 9 -5.19 5.40 10.44
CA ALA B 9 -3.92 4.68 10.55
C ALA B 9 -4.23 3.17 10.59
N GLY B 10 -5.23 2.79 9.81
CA GLY B 10 -5.60 1.38 9.67
C GLY B 10 -4.71 0.59 8.74
N MET B 11 -5.14 -0.64 8.49
CA MET B 11 -4.38 -1.57 7.73
C MET B 11 -3.95 -1.02 6.35
N SER B 12 -4.89 -0.46 5.60
CA SER B 12 -4.58 0.08 4.23
C SER B 12 -3.63 1.26 4.24
N THR B 13 -3.98 2.30 4.98
CA THR B 13 -3.11 3.46 5.01
C THR B 13 -1.74 3.11 5.56
N SER B 14 -1.70 2.28 6.59
N SER B 14 -1.69 2.27 6.60
CA SER B 14 -0.41 1.88 7.16
CA SER B 14 -0.39 1.90 7.19
C SER B 14 0.51 1.17 6.16
C SER B 14 0.51 1.17 6.18
N LEU B 15 -0.08 0.34 5.30
CA LEU B 15 0.69 -0.32 4.24
C LEU B 15 1.23 0.74 3.27
N LEU B 16 0.38 1.67 2.90
CA LEU B 16 0.78 2.70 1.96
C LEU B 16 1.93 3.46 2.57
N VAL B 17 1.86 3.75 3.88
CA VAL B 17 2.93 4.48 4.57
C VAL B 17 4.21 3.70 4.52
N THR B 18 4.11 2.40 4.79
CA THR B 18 5.28 1.51 4.73
C THR B 18 5.93 1.54 3.34
N LYS B 19 5.11 1.52 2.28
CA LYS B 19 5.65 1.55 0.93
C LYS B 19 6.26 2.92 0.56
N MET B 20 5.66 3.97 1.08
CA MET B 20 6.20 5.31 0.82
C MET B 20 7.54 5.50 1.56
N GLU B 21 7.64 4.90 2.75
CA GLU B 21 8.89 4.95 3.54
C GLU B 21 10.07 4.30 2.79
N ALA B 22 9.80 3.14 2.18
CA ALA B 22 10.82 2.43 1.38
C ALA B 22 11.17 3.24 0.12
N ALA B 23 10.17 3.84 -0.49
CA ALA B 23 10.42 4.68 -1.65
C ALA B 23 11.27 5.88 -1.25
N ALA B 24 10.96 6.51 -0.12
CA ALA B 24 11.70 7.69 0.34
C ALA B 24 13.17 7.36 0.61
N LYS B 25 13.37 6.29 1.35
CA LYS B 25 14.69 5.81 1.68
C LYS B 25 15.44 5.48 0.37
N ALA B 26 14.76 4.77 -0.52
CA ALA B 26 15.34 4.40 -1.82
C ALA B 26 15.93 5.61 -2.57
N ARG B 27 15.28 6.78 -2.50
CA ARG B 27 15.83 7.96 -3.17
C ARG B 27 16.60 8.89 -2.20
N GLY B 28 16.99 8.33 -1.05
CA GLY B 28 17.77 9.06 -0.05
C GLY B 28 17.05 10.27 0.51
N LEU B 29 15.73 10.17 0.64
CA LEU B 29 14.94 11.26 1.15
C LEU B 29 14.72 11.02 2.63
N GLU B 30 15.12 11.96 3.47
CA GLU B 30 14.94 11.85 4.91
C GLU B 30 13.69 12.62 5.35
N GLY B 31 13.07 12.20 6.45
CA GLY B 31 11.88 12.85 6.99
C GLY B 31 10.91 11.80 7.48
N LYS B 32 9.84 12.20 8.13
CA LYS B 32 8.93 11.17 8.55
C LYS B 32 7.63 11.18 7.78
N ILE B 33 7.08 9.97 7.62
CA ILE B 33 5.85 9.72 6.90
C ILE B 33 4.97 8.99 7.88
N TRP B 34 3.82 9.57 8.17
CA TRP B 34 2.95 9.01 9.16
C TRP B 34 1.50 9.44 8.99
N ALA B 35 0.63 8.58 9.47
CA ALA B 35 -0.80 8.75 9.40
C ALA B 35 -1.46 9.01 10.73
N VAL B 36 -2.37 9.97 10.75
CA VAL B 36 -3.16 10.26 11.96
C VAL B 36 -4.66 10.44 11.64
N SER B 37 -5.46 10.46 12.70
CA SER B 37 -6.89 10.66 12.60
C SER B 37 -7.16 12.17 12.44
N GLY B 38 -8.34 12.53 11.92
CA GLY B 38 -8.74 13.90 11.71
C GLY B 38 -8.63 14.74 12.96
N ASP B 39 -8.98 14.18 14.10
CA ASP B 39 -8.89 14.96 15.35
C ASP B 39 -7.44 15.26 15.78
N ALA B 40 -6.47 14.63 15.11
CA ALA B 40 -5.06 14.82 15.41
C ALA B 40 -4.35 15.68 14.43
N VAL B 41 -5.03 16.08 13.36
CA VAL B 41 -4.36 16.91 12.35
C VAL B 41 -3.91 18.26 12.90
N LYS B 42 -4.76 18.95 13.67
CA LYS B 42 -4.36 20.29 14.19
C LYS B 42 -3.01 20.24 14.93
N THR B 43 -2.82 19.23 15.77
CA THR B 43 -1.60 19.09 16.55
C THR B 43 -0.42 18.34 15.91
N ASN B 44 -0.49 18.05 14.62
CA ASN B 44 0.61 17.42 13.88
C ASN B 44 0.98 18.21 12.63
N ILE B 45 0.10 19.12 12.20
CA ILE B 45 0.35 19.85 10.94
C ILE B 45 1.55 20.82 11.01
N ASP B 46 1.90 21.30 12.19
CA ASP B 46 3.07 22.17 12.32
C ASP B 46 4.33 21.40 11.93
N GLN B 47 4.35 20.10 12.18
CA GLN B 47 5.49 19.24 11.86
C GLN B 47 5.53 18.80 10.39
N ALA B 48 4.40 18.85 9.71
CA ALA B 48 4.32 18.39 8.33
C ALA B 48 4.69 19.42 7.27
N ASP B 49 5.30 18.94 6.18
CA ASP B 49 5.62 19.76 5.02
C ASP B 49 4.50 19.58 4.01
N VAL B 50 3.93 18.39 3.97
CA VAL B 50 2.86 18.09 3.07
C VAL B 50 1.81 17.30 3.82
N LEU B 51 0.55 17.54 3.48
CA LEU B 51 -0.57 16.79 4.04
C LEU B 51 -1.32 16.15 2.89
N LEU B 52 -1.45 14.82 2.94
CA LEU B 52 -2.20 14.08 1.94
C LEU B 52 -3.40 13.37 2.56
N LEU B 53 -4.54 13.46 1.87
CA LEU B 53 -5.80 12.88 2.31
C LEU B 53 -6.16 11.64 1.56
N GLY B 54 -6.69 10.63 2.26
CA GLY B 54 -7.07 9.41 1.59
C GLY B 54 -8.23 9.72 0.71
N PRO B 55 -8.46 8.92 -0.37
CA PRO B 55 -9.60 9.25 -1.24
C PRO B 55 -10.93 9.26 -0.49
N GLN B 56 -11.05 8.41 0.54
CA GLN B 56 -12.27 8.35 1.35
C GLN B 56 -12.50 9.61 2.14
N VAL B 57 -11.48 10.45 2.32
CA VAL B 57 -11.70 11.69 3.06
C VAL B 57 -11.56 12.95 2.21
N ARG B 58 -11.91 12.85 0.93
CA ARG B 58 -11.89 14.03 0.05
C ARG B 58 -12.74 15.17 0.62
N TYR B 59 -13.85 14.83 1.27
CA TYR B 59 -14.74 15.85 1.81
C TYR B 59 -14.04 16.79 2.80
N MET B 60 -12.90 16.37 3.33
CA MET B 60 -12.18 17.19 4.32
C MET B 60 -11.27 18.21 3.65
N LEU B 61 -11.08 18.09 2.34
CA LEU B 61 -10.10 18.94 1.65
C LEU B 61 -10.36 20.41 1.93
N SER B 62 -11.61 20.82 1.75
CA SER B 62 -12.05 22.20 2.03
C SER B 62 -11.47 22.70 3.34
N SER B 63 -11.86 22.05 4.44
CA SER B 63 -11.44 22.45 5.78
C SER B 63 -9.93 22.35 6.01
N MET B 64 -9.32 21.30 5.49
CA MET B 64 -7.89 21.10 5.66
C MET B 64 -7.07 22.17 4.97
N LYS B 65 -7.50 22.60 3.79
CA LYS B 65 -6.82 23.69 3.07
C LYS B 65 -6.74 24.92 3.95
N THR B 66 -7.90 25.37 4.43
CA THR B 66 -7.97 26.51 5.36
C THR B 66 -6.75 26.46 6.26
N LEU B 67 -6.60 25.30 6.91
CA LEU B 67 -5.54 25.04 7.85
C LEU B 67 -4.14 24.95 7.21
N ALA B 68 -4.01 24.22 6.11
CA ALA B 68 -2.71 24.01 5.45
C ALA B 68 -2.15 25.28 4.85
N ASP B 69 -2.96 25.95 4.06
CA ASP B 69 -2.51 27.19 3.43
C ASP B 69 -1.89 28.16 4.44
N GLU B 70 -2.59 28.39 5.56
CA GLU B 70 -2.08 29.30 6.61
C GLU B 70 -0.81 28.84 7.32
N ARG B 71 -0.54 27.54 7.27
N ARG B 71 -0.53 27.54 7.22
CA ARG B 71 0.68 26.97 7.84
CA ARG B 71 0.65 26.92 7.81
C ARG B 71 1.75 26.72 6.79
C ARG B 71 1.76 26.74 6.79
N ASN B 72 1.51 27.10 5.54
CA ASN B 72 2.49 26.88 4.47
C ASN B 72 2.80 25.37 4.34
N VAL B 73 1.74 24.58 4.31
CA VAL B 73 1.83 23.15 4.12
C VAL B 73 1.08 22.83 2.85
N GLY B 74 1.71 22.07 1.98
CA GLY B 74 1.07 21.65 0.73
C GLY B 74 0.03 20.62 1.04
N ILE B 75 -1.09 20.64 0.32
CA ILE B 75 -2.16 19.69 0.59
C ILE B 75 -2.90 19.22 -0.66
N ASP B 76 -3.30 17.95 -0.66
CA ASP B 76 -4.06 17.44 -1.76
C ASP B 76 -4.63 16.10 -1.36
N VAL B 77 -5.49 15.55 -2.21
CA VAL B 77 -6.07 14.22 -2.01
C VAL B 77 -5.25 13.22 -2.82
N ILE B 78 -5.03 12.04 -2.24
CA ILE B 78 -4.26 10.99 -2.90
C ILE B 78 -5.00 10.47 -4.15
N ASN B 79 -4.25 10.17 -5.21
CA ASN B 79 -4.88 9.70 -6.44
C ASN B 79 -5.50 8.35 -6.16
N PRO B 80 -6.82 8.21 -6.42
CA PRO B 80 -7.49 6.95 -6.09
C PRO B 80 -6.86 5.72 -6.72
N MET B 81 -6.31 5.86 -7.92
CA MET B 81 -5.64 4.73 -8.60
C MET B 81 -4.34 4.36 -7.86
N HIS B 82 -3.60 5.36 -7.40
CA HIS B 82 -2.38 5.10 -6.66
C HIS B 82 -2.67 4.41 -5.34
N TYR B 83 -3.67 4.89 -4.62
CA TYR B 83 -4.04 4.32 -3.35
C TYR B 83 -4.45 2.86 -3.63
N GLY B 84 -5.30 2.71 -4.64
CA GLY B 84 -5.86 1.43 -5.05
C GLY B 84 -4.85 0.33 -5.31
N MET B 85 -3.75 0.70 -5.96
CA MET B 85 -2.70 -0.24 -6.27
C MET B 85 -1.54 -0.18 -5.28
N MET B 86 -1.73 0.53 -4.18
CA MET B 86 -0.71 0.68 -3.13
C MET B 86 0.65 1.07 -3.70
N ASN B 87 0.64 2.06 -4.58
CA ASN B 87 1.86 2.53 -5.24
C ASN B 87 2.46 3.66 -4.43
N GLY B 88 3.30 3.30 -3.45
CA GLY B 88 3.98 4.27 -2.62
C GLY B 88 4.89 5.19 -3.41
N GLU B 89 5.55 4.67 -4.44
CA GLU B 89 6.40 5.50 -5.26
C GLU B 89 5.65 6.68 -5.86
N ALA B 90 4.53 6.40 -6.49
CA ALA B 90 3.69 7.44 -7.13
C ALA B 90 3.13 8.44 -6.13
N VAL B 91 2.73 7.95 -4.95
CA VAL B 91 2.17 8.87 -3.96
C VAL B 91 3.29 9.78 -3.43
N LEU B 92 4.47 9.21 -3.20
CA LEU B 92 5.64 10.00 -2.81
C LEU B 92 5.95 11.08 -3.88
N ASP B 93 5.90 10.71 -5.16
CA ASP B 93 6.11 11.69 -6.28
C ASP B 93 5.10 12.83 -6.17
N HIS B 94 3.85 12.48 -5.91
CA HIS B 94 2.79 13.46 -5.73
C HIS B 94 3.17 14.42 -4.56
N ALA B 95 3.55 13.84 -3.43
CA ALA B 95 3.90 14.63 -2.26
C ALA B 95 4.97 15.65 -2.58
N LEU B 96 5.99 15.23 -3.32
CA LEU B 96 7.09 16.13 -3.60
C LEU B 96 6.65 17.35 -4.38
N THR B 97 5.71 17.18 -5.31
CA THR B 97 5.23 18.31 -6.10
C THR B 97 4.42 19.24 -5.20
N LEU B 98 3.80 18.69 -4.17
CA LEU B 98 3.02 19.50 -3.24
C LEU B 98 3.91 20.30 -2.30
N LYS B 99 5.07 19.74 -1.98
CA LYS B 99 5.99 20.38 -1.06
C LYS B 99 6.33 21.73 -1.61
N LYS B 100 6.81 21.73 -2.85
CA LYS B 100 7.18 22.96 -3.53
C LYS B 100 5.93 23.83 -3.73
N GLY B 101 4.79 23.19 -3.96
CA GLY B 101 3.51 23.90 -4.13
C GLY B 101 3.26 24.92 -3.02
N GLU B 102 3.09 24.45 -1.78
CA GLU B 102 2.89 25.38 -0.66
C GLU B 102 4.20 25.89 -0.06
N ASN B 103 5.33 25.39 -0.56
CA ASN B 103 6.63 25.95 -0.20
C ASN B 103 6.71 27.28 -0.99
N LEU B 104 6.38 27.23 -2.28
CA LEU B 104 6.27 28.45 -3.13
C LEU B 104 5.03 29.23 -2.67
N TYR B 105 5.16 29.85 -1.50
CA TYR B 105 4.08 30.60 -0.90
C TYR B 105 4.68 31.39 0.27
N PHE B 106 5.35 32.50 -0.07
CA PHE B 106 6.01 33.41 0.90
C PHE B 106 7.44 32.94 1.27
N GLN B 107 8.49 33.61 0.77
CA GLN B 107 8.41 34.73 -0.19
C GLN B 107 9.77 34.91 -0.88
#